data_1MP3
#
_entry.id   1MP3
#
_cell.length_a   120.015
_cell.length_b   120.015
_cell.length_c   93.898
_cell.angle_alpha   90.00
_cell.angle_beta   90.00
_cell.angle_gamma   90.00
#
_symmetry.space_group_name_H-M   'P 43 21 2'
#
loop_
_entity.id
_entity.type
_entity.pdbx_description
1 polymer 'GLUCOSE-1-PHOSPHATE THYMIDYLYLTRANSFERASE'
2 non-polymer "THYMIDINE-5'-TRIPHOSPHATE"
#
_entity_poly.entity_id   1
_entity_poly.type   'polypeptide(L)'
_entity_poly.pdbx_seq_one_letter_code
;MKTRKGIILAGGSGTRLYPVTMAVSQQLLPIYDKPMIYYPLSTLMLAGIRDILIISTPQDTPRFQQLLGDGSQWGLNLQY
KVQPSPDGTAQAFIIGEEFIGHDDCALVLGDNIFYGHDLPKLMEAAVNKESGATVFAYHVNDPERYGVVEFDQAGTAVSL
EEKPLQPKSNYAVTGLYFYDNSVVEMAKNLKPSARGELEITDINRIYMEQGRLSVAMMGRGYAWLDTGTHQSLIEASNFI
ATIEERQGLKVSCPEEIAFRKNFINAQQVIELAGPLSKNDYGKYLLKMVKGL
;
_entity_poly.pdbx_strand_id   A,B
#
# COMPACT_ATOMS: atom_id res chain seq x y z
N MET A 1 -3.43 -11.47 -27.96
CA MET A 1 -2.85 -12.63 -27.21
C MET A 1 -2.55 -12.25 -25.76
N LYS A 2 -3.26 -12.83 -24.81
CA LYS A 2 -3.00 -12.52 -23.40
C LYS A 2 -1.65 -13.09 -23.00
N THR A 3 -0.80 -12.28 -22.36
CA THR A 3 0.51 -12.74 -21.93
C THR A 3 0.33 -13.89 -20.93
N ARG A 4 0.64 -15.11 -21.37
CA ARG A 4 0.48 -16.29 -20.53
C ARG A 4 1.82 -16.93 -20.16
N LYS A 5 2.93 -16.31 -20.55
CA LYS A 5 4.24 -16.83 -20.21
C LYS A 5 5.03 -15.77 -19.47
N GLY A 6 5.86 -16.20 -18.52
CA GLY A 6 6.62 -15.23 -17.77
C GLY A 6 7.99 -15.79 -17.41
N ILE A 7 8.90 -14.90 -17.07
CA ILE A 7 10.24 -15.29 -16.72
C ILE A 7 10.61 -14.58 -15.43
N ILE A 8 11.28 -15.30 -14.54
CA ILE A 8 11.76 -14.74 -13.26
C ILE A 8 13.28 -14.87 -13.33
N LEU A 9 13.96 -13.73 -13.38
CA LEU A 9 15.42 -13.69 -13.44
C LEU A 9 15.94 -13.73 -12.02
N ALA A 10 16.15 -14.93 -11.52
CA ALA A 10 16.62 -15.11 -10.15
C ALA A 10 18.08 -15.51 -10.05
N GLY A 11 18.93 -14.91 -10.87
CA GLY A 11 20.33 -15.23 -10.81
C GLY A 11 21.14 -14.06 -10.28
N GLY A 12 22.14 -13.65 -11.04
CA GLY A 12 22.95 -12.52 -10.63
C GLY A 12 24.12 -12.89 -9.73
N SER A 13 24.83 -11.88 -9.28
CA SER A 13 26.00 -12.06 -8.43
C SER A 13 25.70 -11.67 -6.97
N GLY A 14 25.08 -10.51 -6.79
CA GLY A 14 24.77 -10.04 -5.45
C GLY A 14 26.01 -9.64 -4.67
N THR A 15 26.96 -8.97 -5.34
CA THR A 15 28.19 -8.56 -4.66
C THR A 15 27.91 -7.58 -3.53
N ARG A 16 26.89 -6.75 -3.70
CA ARG A 16 26.55 -5.78 -2.68
C ARG A 16 26.14 -6.42 -1.36
N LEU A 17 25.75 -7.68 -1.40
CA LEU A 17 25.33 -8.34 -0.18
C LEU A 17 26.30 -9.36 0.38
N TYR A 18 27.51 -9.42 -0.18
CA TYR A 18 28.49 -10.36 0.33
C TYR A 18 28.74 -10.02 1.79
N PRO A 19 29.03 -11.02 2.63
CA PRO A 19 29.14 -12.45 2.29
C PRO A 19 27.80 -13.20 2.44
N VAL A 20 26.73 -12.44 2.66
CA VAL A 20 25.38 -12.99 2.80
C VAL A 20 25.00 -13.77 1.56
N THR A 21 25.37 -13.24 0.40
CA THR A 21 25.05 -13.90 -0.86
C THR A 21 26.17 -14.80 -1.38
N MET A 22 27.11 -15.14 -0.50
CA MET A 22 28.21 -16.03 -0.88
C MET A 22 27.73 -17.47 -0.94
N ALA A 23 26.92 -17.87 0.04
CA ALA A 23 26.41 -19.23 0.05
C ALA A 23 24.88 -19.29 -0.06
N VAL A 24 24.24 -18.15 -0.26
CA VAL A 24 22.79 -18.11 -0.41
C VAL A 24 22.36 -17.08 -1.45
N SER A 25 21.69 -17.57 -2.50
CA SER A 25 21.21 -16.71 -3.56
C SER A 25 20.38 -15.58 -2.99
N GLN A 26 20.52 -14.40 -3.58
CA GLN A 26 19.76 -13.25 -3.12
C GLN A 26 18.26 -13.56 -3.14
N GLN A 27 17.81 -14.27 -4.17
CA GLN A 27 16.40 -14.61 -4.31
C GLN A 27 15.90 -15.72 -3.38
N LEU A 28 16.80 -16.24 -2.55
CA LEU A 28 16.43 -17.26 -1.58
C LEU A 28 16.42 -16.61 -0.20
N LEU A 29 16.94 -15.39 -0.10
CA LEU A 29 16.95 -14.69 1.19
C LEU A 29 15.53 -14.46 1.66
N PRO A 30 15.33 -14.43 2.98
CA PRO A 30 13.96 -14.21 3.45
C PRO A 30 13.54 -12.75 3.50
N ILE A 31 12.32 -12.49 3.06
CA ILE A 31 11.79 -11.13 3.15
C ILE A 31 10.70 -11.30 4.19
N TYR A 32 11.15 -11.32 5.44
CA TYR A 32 10.31 -11.51 6.61
C TYR A 32 9.93 -12.97 6.85
N ASP A 33 8.80 -13.39 6.28
CA ASP A 33 8.30 -14.73 6.49
C ASP A 33 8.32 -15.72 5.31
N LYS A 34 9.02 -15.37 4.24
CA LYS A 34 9.08 -16.27 3.08
C LYS A 34 10.24 -15.89 2.17
N PRO A 35 10.74 -16.85 1.36
CA PRO A 35 11.84 -16.56 0.46
C PRO A 35 11.53 -15.48 -0.57
N MET A 36 12.50 -14.64 -0.83
CA MET A 36 12.34 -13.54 -1.77
C MET A 36 11.66 -13.92 -3.08
N ILE A 37 12.03 -15.04 -3.68
CA ILE A 37 11.42 -15.41 -4.95
C ILE A 37 9.88 -15.55 -4.92
N TYR A 38 9.29 -15.76 -3.73
CA TYR A 38 7.83 -15.88 -3.64
C TYR A 38 7.17 -14.58 -4.08
N TYR A 39 7.86 -13.45 -3.90
CA TYR A 39 7.24 -12.17 -4.26
C TYR A 39 7.09 -11.96 -5.77
N PRO A 40 8.19 -12.08 -6.54
CA PRO A 40 8.03 -11.89 -7.99
C PRO A 40 7.13 -12.99 -8.60
N LEU A 41 7.23 -14.21 -8.07
CA LEU A 41 6.41 -15.31 -8.58
C LEU A 41 4.91 -14.94 -8.38
N SER A 42 4.56 -14.48 -7.19
CA SER A 42 3.19 -14.06 -6.84
C SER A 42 2.67 -13.01 -7.82
N THR A 43 3.53 -12.05 -8.16
CA THR A 43 3.17 -10.97 -9.07
C THR A 43 2.79 -11.57 -10.41
N LEU A 44 3.59 -12.50 -10.91
CA LEU A 44 3.28 -13.15 -12.18
C LEU A 44 1.93 -13.85 -12.03
N MET A 45 1.78 -14.66 -10.98
CA MET A 45 0.53 -15.38 -10.72
C MET A 45 -0.68 -14.45 -10.70
N LEU A 46 -0.53 -13.30 -10.03
CA LEU A 46 -1.62 -12.33 -9.95
C LEU A 46 -1.95 -11.74 -11.32
N ALA A 47 -1.01 -11.87 -12.26
CA ALA A 47 -1.24 -11.36 -13.61
C ALA A 47 -1.95 -12.44 -14.42
N GLY A 48 -2.18 -13.59 -13.80
CA GLY A 48 -2.85 -14.68 -14.48
C GLY A 48 -1.88 -15.57 -15.23
N ILE A 49 -0.59 -15.32 -14.99
CA ILE A 49 0.49 -16.07 -15.62
C ILE A 49 0.85 -17.32 -14.81
N ARG A 50 0.68 -18.49 -15.44
CA ARG A 50 0.95 -19.78 -14.80
C ARG A 50 2.18 -20.48 -15.36
N ASP A 51 2.43 -20.31 -16.64
CA ASP A 51 3.59 -20.95 -17.27
C ASP A 51 4.79 -20.03 -17.11
N ILE A 52 5.62 -20.35 -16.13
CA ILE A 52 6.78 -19.54 -15.80
C ILE A 52 8.16 -20.21 -15.92
N LEU A 53 9.12 -19.47 -16.49
CA LEU A 53 10.48 -19.99 -16.61
C LEU A 53 11.37 -19.31 -15.59
N ILE A 54 11.97 -20.10 -14.71
CA ILE A 54 12.83 -19.55 -13.70
C ILE A 54 14.28 -19.73 -14.11
N ILE A 55 14.96 -18.60 -14.24
CA ILE A 55 16.35 -18.58 -14.64
C ILE A 55 17.19 -18.19 -13.43
N SER A 56 18.30 -18.89 -13.23
CA SER A 56 19.20 -18.56 -12.12
C SER A 56 20.62 -18.98 -12.50
N THR A 57 21.51 -19.05 -11.52
CA THR A 57 22.90 -19.42 -11.80
C THR A 57 23.02 -20.95 -11.90
N PRO A 58 24.18 -21.45 -12.35
CA PRO A 58 24.28 -22.91 -12.43
C PRO A 58 24.22 -23.56 -11.06
N GLN A 59 24.77 -22.89 -10.05
CA GLN A 59 24.72 -23.47 -8.71
C GLN A 59 23.37 -23.27 -8.02
N ASP A 60 22.71 -22.15 -8.27
CA ASP A 60 21.43 -21.90 -7.60
C ASP A 60 20.15 -22.38 -8.31
N THR A 61 20.20 -22.60 -9.61
CA THR A 61 19.02 -23.06 -10.33
C THR A 61 18.41 -24.32 -9.70
N PRO A 62 19.24 -25.33 -9.37
CA PRO A 62 18.68 -26.55 -8.76
C PRO A 62 18.08 -26.30 -7.38
N ARG A 63 18.50 -25.23 -6.71
CA ARG A 63 17.95 -24.92 -5.41
C ARG A 63 16.55 -24.35 -5.55
N PHE A 64 16.33 -23.46 -6.51
CA PHE A 64 15.00 -22.92 -6.70
C PHE A 64 14.14 -24.10 -7.18
N GLN A 65 14.76 -25.04 -7.87
CA GLN A 65 14.03 -26.20 -8.36
C GLN A 65 13.61 -27.10 -7.20
N GLN A 66 14.43 -27.15 -6.15
CA GLN A 66 14.14 -27.94 -4.97
C GLN A 66 13.09 -27.23 -4.11
N LEU A 67 13.08 -25.90 -4.18
CA LEU A 67 12.13 -25.11 -3.39
C LEU A 67 10.74 -25.04 -4.01
N LEU A 68 10.71 -24.97 -5.34
CA LEU A 68 9.46 -24.84 -6.08
C LEU A 68 8.96 -26.04 -6.88
N GLY A 69 9.89 -26.90 -7.31
CA GLY A 69 9.48 -28.06 -8.09
C GLY A 69 8.89 -27.62 -9.42
N ASP A 70 8.07 -28.47 -10.04
CA ASP A 70 7.46 -28.12 -11.32
C ASP A 70 6.25 -27.22 -11.10
N GLY A 71 6.01 -26.85 -9.85
CA GLY A 71 4.91 -25.96 -9.51
C GLY A 71 3.51 -26.52 -9.63
N SER A 72 3.35 -27.80 -9.97
CA SER A 72 2.02 -28.38 -10.11
C SER A 72 1.21 -28.26 -8.83
N GLN A 73 1.90 -28.21 -7.70
CA GLN A 73 1.22 -28.10 -6.41
C GLN A 73 0.42 -26.82 -6.31
N TRP A 74 0.85 -25.78 -7.04
CA TRP A 74 0.11 -24.52 -7.01
C TRP A 74 -0.63 -24.31 -8.32
N GLY A 75 -0.75 -25.38 -9.09
CA GLY A 75 -1.44 -25.29 -10.37
C GLY A 75 -0.62 -24.54 -11.41
N LEU A 76 0.70 -24.51 -11.23
CA LEU A 76 1.56 -23.81 -12.17
C LEU A 76 2.41 -24.78 -12.97
N ASN A 77 3.08 -24.27 -13.99
CA ASN A 77 3.99 -25.06 -14.80
C ASN A 77 5.31 -24.31 -14.75
N LEU A 78 6.18 -24.73 -13.85
CA LEU A 78 7.47 -24.06 -13.70
C LEU A 78 8.56 -24.82 -14.45
N GLN A 79 9.44 -24.08 -15.10
CA GLN A 79 10.55 -24.66 -15.83
C GLN A 79 11.78 -23.93 -15.34
N TYR A 80 12.94 -24.53 -15.57
CA TYR A 80 14.18 -23.91 -15.13
C TYR A 80 15.23 -23.94 -16.21
N LYS A 81 16.01 -22.88 -16.31
CA LYS A 81 17.10 -22.81 -17.26
C LYS A 81 18.19 -22.00 -16.60
N VAL A 82 19.43 -22.43 -16.79
CA VAL A 82 20.56 -21.75 -16.18
C VAL A 82 21.11 -20.62 -17.04
N GLN A 83 21.57 -19.58 -16.38
CA GLN A 83 22.21 -18.46 -17.05
C GLN A 83 23.67 -18.66 -16.67
N PRO A 84 24.49 -19.15 -17.61
CA PRO A 84 25.91 -19.41 -17.40
C PRO A 84 26.67 -18.34 -16.63
N SER A 85 26.45 -17.09 -17.02
CA SER A 85 27.12 -15.95 -16.41
C SER A 85 26.16 -14.76 -16.39
N PRO A 86 26.24 -13.91 -15.35
CA PRO A 86 25.35 -12.74 -15.25
C PRO A 86 25.76 -11.65 -16.24
N ASP A 87 25.53 -11.91 -17.52
CA ASP A 87 25.91 -10.96 -18.57
C ASP A 87 24.81 -9.94 -18.94
N GLY A 88 23.80 -9.80 -18.10
CA GLY A 88 22.75 -8.83 -18.38
C GLY A 88 21.32 -9.37 -18.32
N THR A 89 20.41 -8.58 -17.76
CA THR A 89 19.01 -9.00 -17.65
C THR A 89 18.36 -9.27 -19.01
N ALA A 90 18.82 -8.57 -20.05
CA ALA A 90 18.24 -8.76 -21.38
C ALA A 90 18.54 -10.16 -21.92
N GLN A 91 19.59 -10.79 -21.40
CA GLN A 91 20.00 -12.11 -21.82
C GLN A 91 18.91 -13.13 -21.48
N ALA A 92 18.03 -12.75 -20.57
CA ALA A 92 16.94 -13.64 -20.17
C ALA A 92 16.11 -14.06 -21.37
N PHE A 93 16.00 -13.19 -22.37
CA PHE A 93 15.22 -13.55 -23.54
C PHE A 93 15.97 -14.38 -24.55
N ILE A 94 17.28 -14.50 -24.36
CA ILE A 94 18.12 -15.31 -25.24
C ILE A 94 18.05 -16.73 -24.66
N ILE A 95 18.21 -16.80 -23.35
CA ILE A 95 18.17 -18.07 -22.63
C ILE A 95 16.78 -18.68 -22.71
N GLY A 96 15.75 -17.87 -22.55
CA GLY A 96 14.39 -18.39 -22.57
C GLY A 96 13.69 -18.29 -23.91
N GLU A 97 14.48 -18.16 -24.97
CA GLU A 97 13.95 -18.04 -26.33
C GLU A 97 13.07 -19.23 -26.71
N GLU A 98 13.54 -20.44 -26.42
CA GLU A 98 12.78 -21.64 -26.72
C GLU A 98 11.50 -21.65 -25.88
N PHE A 99 11.63 -21.29 -24.60
CA PHE A 99 10.50 -21.24 -23.69
C PHE A 99 9.43 -20.27 -24.18
N ILE A 100 9.85 -19.15 -24.73
CA ILE A 100 8.93 -18.14 -25.24
C ILE A 100 8.26 -18.53 -26.55
N GLY A 101 8.99 -19.20 -27.44
CA GLY A 101 8.39 -19.57 -28.71
C GLY A 101 7.98 -18.33 -29.49
N HIS A 102 6.76 -18.34 -30.01
CA HIS A 102 6.23 -17.21 -30.79
C HIS A 102 5.26 -16.38 -29.95
N ASP A 103 5.14 -16.71 -28.66
CA ASP A 103 4.21 -16.00 -27.78
C ASP A 103 4.77 -14.78 -27.10
N ASP A 104 3.88 -14.10 -26.37
CA ASP A 104 4.24 -12.93 -25.59
C ASP A 104 4.78 -13.46 -24.27
N CYS A 105 5.53 -12.62 -23.58
CA CYS A 105 6.13 -13.04 -22.33
C CYS A 105 6.42 -11.86 -21.39
N ALA A 106 6.22 -12.09 -20.09
CA ALA A 106 6.50 -11.09 -19.09
C ALA A 106 7.85 -11.48 -18.48
N LEU A 107 8.52 -10.52 -17.86
CA LEU A 107 9.80 -10.73 -17.21
C LEU A 107 9.79 -9.90 -15.94
N VAL A 108 10.14 -10.51 -14.83
CA VAL A 108 10.19 -9.79 -13.58
C VAL A 108 11.52 -10.17 -12.92
N LEU A 109 12.19 -9.19 -12.34
CA LEU A 109 13.46 -9.43 -11.68
C LEU A 109 13.19 -10.18 -10.40
N GLY A 110 14.08 -11.11 -10.05
CA GLY A 110 13.89 -11.92 -8.87
C GLY A 110 13.94 -11.23 -7.52
N ASP A 111 14.43 -10.01 -7.44
CA ASP A 111 14.51 -9.32 -6.15
C ASP A 111 13.54 -8.14 -6.08
N ASN A 112 12.55 -8.14 -6.97
CA ASN A 112 11.55 -7.09 -7.00
C ASN A 112 10.25 -7.49 -6.29
N ILE A 113 9.86 -6.66 -5.32
CA ILE A 113 8.62 -6.84 -4.56
C ILE A 113 7.62 -5.74 -4.91
N PHE A 114 6.44 -6.17 -5.36
CA PHE A 114 5.37 -5.25 -5.72
C PHE A 114 4.16 -5.45 -4.81
N TYR A 115 3.66 -4.35 -4.24
CA TYR A 115 2.51 -4.40 -3.37
C TYR A 115 1.65 -3.16 -3.56
N GLY A 116 0.34 -3.33 -3.58
CA GLY A 116 -0.53 -2.19 -3.72
C GLY A 116 -1.92 -2.55 -4.19
N HIS A 117 -2.87 -1.77 -3.74
CA HIS A 117 -4.26 -2.00 -4.10
C HIS A 117 -4.41 -1.84 -5.62
N ASP A 118 -5.06 -2.82 -6.24
CA ASP A 118 -5.29 -2.80 -7.68
C ASP A 118 -4.04 -3.04 -8.51
N LEU A 119 -3.06 -3.74 -7.93
CA LEU A 119 -1.84 -4.06 -8.65
C LEU A 119 -2.23 -5.05 -9.76
N PRO A 120 -3.09 -6.02 -9.46
CA PRO A 120 -3.46 -6.97 -10.53
C PRO A 120 -4.08 -6.23 -11.72
N LYS A 121 -4.94 -5.26 -11.44
CA LYS A 121 -5.60 -4.48 -12.48
C LYS A 121 -4.61 -3.78 -13.41
N LEU A 122 -3.63 -3.12 -12.83
CA LEU A 122 -2.62 -2.41 -13.58
C LEU A 122 -1.84 -3.34 -14.51
N MET A 123 -1.55 -4.55 -14.04
CA MET A 123 -0.83 -5.51 -14.87
C MET A 123 -1.69 -6.08 -15.98
N GLU A 124 -2.95 -6.37 -15.67
CA GLU A 124 -3.87 -6.93 -16.66
C GLU A 124 -3.99 -6.07 -17.91
N ALA A 125 -3.84 -4.76 -17.76
CA ALA A 125 -3.91 -3.89 -18.92
C ALA A 125 -2.75 -4.27 -19.83
N ALA A 126 -1.58 -4.49 -19.23
CA ALA A 126 -0.39 -4.88 -19.98
C ALA A 126 -0.49 -6.32 -20.48
N VAL A 127 -1.17 -7.17 -19.72
CA VAL A 127 -1.31 -8.56 -20.10
C VAL A 127 -2.18 -8.70 -21.35
N ASN A 128 -3.12 -7.78 -21.51
CA ASN A 128 -4.02 -7.81 -22.66
C ASN A 128 -3.55 -7.06 -23.90
N LYS A 129 -2.55 -6.19 -23.76
CA LYS A 129 -2.05 -5.44 -24.91
C LYS A 129 -1.65 -6.42 -26.04
N GLU A 130 -2.30 -6.29 -27.19
CA GLU A 130 -2.07 -7.16 -28.36
C GLU A 130 -0.64 -7.17 -28.88
N SER A 131 0.06 -6.05 -28.76
CA SER A 131 1.44 -5.98 -29.22
C SER A 131 2.17 -4.82 -28.56
N GLY A 132 3.49 -4.78 -28.76
CA GLY A 132 4.31 -3.74 -28.18
C GLY A 132 4.94 -4.20 -26.88
N ALA A 133 5.11 -3.25 -25.96
CA ALA A 133 5.68 -3.54 -24.65
C ALA A 133 5.11 -2.60 -23.61
N THR A 134 5.11 -3.05 -22.36
CA THR A 134 4.62 -2.24 -21.24
C THR A 134 5.62 -2.29 -20.07
N VAL A 135 6.10 -1.12 -19.67
CA VAL A 135 7.01 -1.02 -18.54
C VAL A 135 6.34 -0.07 -17.54
N PHE A 136 6.83 -0.05 -16.31
CA PHE A 136 6.25 0.80 -15.27
C PHE A 136 7.22 1.84 -14.71
N ALA A 137 6.72 3.07 -14.54
CA ALA A 137 7.54 4.15 -14.00
C ALA A 137 7.20 4.36 -12.53
N TYR A 138 8.21 4.48 -11.69
CA TYR A 138 8.00 4.65 -10.25
C TYR A 138 8.92 5.71 -9.66
N HIS A 139 8.32 6.61 -8.90
CA HIS A 139 9.08 7.67 -8.29
C HIS A 139 9.94 7.11 -7.14
N VAL A 140 11.25 7.32 -7.24
CA VAL A 140 12.22 6.84 -6.25
C VAL A 140 13.15 7.96 -5.81
N ASN A 141 13.83 7.79 -4.67
CA ASN A 141 14.75 8.81 -4.17
C ASN A 141 16.09 8.83 -4.88
N ASP A 142 16.53 7.68 -5.39
CA ASP A 142 17.81 7.65 -6.07
C ASP A 142 17.72 7.01 -7.45
N PRO A 143 17.07 7.70 -8.40
CA PRO A 143 16.90 7.20 -9.76
C PRO A 143 18.16 6.81 -10.54
N GLU A 144 19.30 7.44 -10.22
CA GLU A 144 20.56 7.17 -10.90
C GLU A 144 20.91 5.68 -10.88
N ARG A 145 20.45 4.99 -9.85
CA ARG A 145 20.71 3.56 -9.68
C ARG A 145 19.85 2.69 -10.58
N TYR A 146 18.85 3.27 -11.24
CA TYR A 146 17.96 2.50 -12.11
C TYR A 146 17.86 3.05 -13.51
N GLY A 147 16.94 2.45 -14.27
CA GLY A 147 16.69 2.93 -15.62
C GLY A 147 15.73 4.07 -15.38
N VAL A 148 16.11 5.27 -15.82
CA VAL A 148 15.29 6.46 -15.63
C VAL A 148 14.52 6.81 -16.89
N VAL A 149 13.28 7.26 -16.72
CA VAL A 149 12.49 7.65 -17.87
C VAL A 149 12.26 9.15 -17.85
N GLU A 150 12.47 9.79 -18.99
CA GLU A 150 12.28 11.23 -19.12
C GLU A 150 10.89 11.49 -19.73
N PHE A 151 10.15 12.44 -19.16
CA PHE A 151 8.82 12.79 -19.66
C PHE A 151 8.82 14.23 -20.15
N ASP A 152 8.03 14.53 -21.19
CA ASP A 152 7.95 15.90 -21.69
C ASP A 152 6.86 16.65 -20.92
N GLN A 153 6.51 17.84 -21.39
CA GLN A 153 5.49 18.66 -20.73
C GLN A 153 4.14 17.94 -20.61
N ALA A 154 3.65 17.40 -21.71
CA ALA A 154 2.38 16.71 -21.71
C ALA A 154 2.44 15.50 -20.76
N GLY A 155 3.65 15.11 -20.40
CA GLY A 155 3.84 13.97 -19.52
C GLY A 155 3.99 12.68 -20.31
N THR A 156 4.66 12.79 -21.45
CA THR A 156 4.88 11.63 -22.33
C THR A 156 6.35 11.18 -22.28
N ALA A 157 6.56 9.88 -22.12
CA ALA A 157 7.91 9.33 -22.05
C ALA A 157 8.64 9.60 -23.36
N VAL A 158 9.88 10.09 -23.27
CA VAL A 158 10.65 10.37 -24.47
C VAL A 158 12.00 9.67 -24.54
N SER A 159 12.62 9.41 -23.39
CA SER A 159 13.91 8.75 -23.39
C SER A 159 14.13 7.88 -22.16
N LEU A 160 15.11 7.00 -22.26
CA LEU A 160 15.49 6.11 -21.18
C LEU A 160 16.99 6.05 -21.11
N GLU A 161 17.53 6.10 -19.89
CA GLU A 161 18.97 6.03 -19.68
C GLU A 161 19.24 5.13 -18.48
N GLU A 162 20.10 4.16 -18.69
CA GLU A 162 20.47 3.22 -17.64
C GLU A 162 21.53 3.86 -16.75
N LYS A 163 21.19 4.04 -15.47
CA LYS A 163 22.09 4.63 -14.49
C LYS A 163 22.75 5.92 -14.96
N PRO A 164 21.95 6.91 -15.36
CA PRO A 164 22.54 8.18 -15.82
C PRO A 164 23.19 8.95 -14.68
N LEU A 165 24.25 9.70 -15.01
CA LEU A 165 24.96 10.48 -14.02
C LEU A 165 24.00 11.55 -13.52
N GLN A 166 23.29 12.16 -14.44
CA GLN A 166 22.31 13.19 -14.11
C GLN A 166 20.92 12.80 -14.62
N PRO A 167 20.15 12.08 -13.77
CA PRO A 167 18.81 11.64 -14.12
C PRO A 167 17.96 12.78 -14.61
N LYS A 168 17.18 12.53 -15.65
CA LYS A 168 16.32 13.54 -16.22
C LYS A 168 14.98 13.57 -15.47
N SER A 169 14.89 12.76 -14.43
CA SER A 169 13.69 12.71 -13.60
C SER A 169 13.92 11.75 -12.45
N ASN A 170 12.91 11.61 -11.61
CA ASN A 170 13.03 10.72 -10.47
C ASN A 170 12.22 9.45 -10.66
N TYR A 171 11.82 9.20 -11.90
CA TYR A 171 11.03 8.02 -12.23
C TYR A 171 11.86 6.90 -12.81
N ALA A 172 11.92 5.81 -12.06
CA ALA A 172 12.69 4.64 -12.49
C ALA A 172 11.79 3.58 -13.11
N VAL A 173 12.34 2.83 -14.05
CA VAL A 173 11.58 1.76 -14.68
C VAL A 173 11.69 0.59 -13.70
N THR A 174 10.55 0.03 -13.26
CA THR A 174 10.60 -1.08 -12.30
C THR A 174 11.14 -2.35 -12.97
N GLY A 175 11.28 -3.40 -12.17
CA GLY A 175 11.80 -4.65 -12.71
C GLY A 175 10.74 -5.62 -13.21
N LEU A 176 9.57 -5.09 -13.60
CA LEU A 176 8.48 -5.94 -14.13
C LEU A 176 8.21 -5.44 -15.55
N TYR A 177 8.30 -6.34 -16.53
CA TYR A 177 8.10 -5.96 -17.91
C TYR A 177 7.25 -6.94 -18.69
N PHE A 178 6.44 -6.40 -19.60
CA PHE A 178 5.58 -7.21 -20.45
C PHE A 178 5.94 -6.92 -21.89
N TYR A 179 6.34 -7.96 -22.62
CA TYR A 179 6.74 -7.79 -24.02
C TYR A 179 5.92 -8.65 -24.95
N ASP A 180 5.91 -8.27 -26.23
CA ASP A 180 5.23 -9.06 -27.24
C ASP A 180 6.36 -9.96 -27.74
N ASN A 181 6.06 -10.83 -28.70
CA ASN A 181 7.07 -11.75 -29.19
C ASN A 181 8.28 -11.12 -29.88
N SER A 182 8.20 -9.87 -30.30
CA SER A 182 9.35 -9.28 -30.99
C SER A 182 10.54 -9.05 -30.06
N VAL A 183 10.33 -9.22 -28.76
CA VAL A 183 11.44 -9.03 -27.81
C VAL A 183 12.61 -9.98 -28.05
N VAL A 184 12.32 -11.22 -28.43
CA VAL A 184 13.37 -12.22 -28.64
C VAL A 184 14.40 -11.83 -29.70
N GLU A 185 13.91 -11.32 -30.82
CA GLU A 185 14.80 -10.91 -31.91
C GLU A 185 15.65 -9.72 -31.48
N MET A 186 15.08 -8.84 -30.66
CA MET A 186 15.81 -7.67 -30.17
C MET A 186 16.95 -8.09 -29.27
N ALA A 187 16.68 -9.06 -28.40
CA ALA A 187 17.69 -9.56 -27.47
C ALA A 187 18.82 -10.27 -28.22
N LYS A 188 18.48 -11.06 -29.23
CA LYS A 188 19.48 -11.78 -30.01
C LYS A 188 20.44 -10.82 -30.73
N ASN A 189 19.96 -9.62 -31.06
CA ASN A 189 20.82 -8.67 -31.76
C ASN A 189 21.41 -7.57 -30.90
N LEU A 190 21.05 -7.56 -29.62
CA LEU A 190 21.57 -6.54 -28.71
C LEU A 190 23.09 -6.63 -28.59
N LYS A 191 23.74 -5.48 -28.52
CA LYS A 191 25.19 -5.40 -28.36
C LYS A 191 25.48 -5.04 -26.91
N PRO A 192 26.60 -5.50 -26.36
CA PRO A 192 26.94 -5.19 -24.98
C PRO A 192 26.94 -3.68 -24.71
N SER A 193 26.34 -3.26 -23.60
CA SER A 193 26.28 -1.84 -23.26
C SER A 193 27.63 -1.29 -22.85
N ALA A 194 27.62 -0.03 -22.43
CA ALA A 194 28.82 0.67 -21.99
C ALA A 194 29.40 -0.01 -20.76
N ARG A 195 28.62 -0.85 -20.10
CA ARG A 195 29.13 -1.53 -18.92
C ARG A 195 29.31 -3.02 -19.16
N GLY A 196 29.45 -3.38 -20.44
CA GLY A 196 29.65 -4.77 -20.79
C GLY A 196 28.51 -5.71 -20.47
N GLU A 197 27.28 -5.24 -20.60
CA GLU A 197 26.13 -6.08 -20.32
C GLU A 197 24.99 -5.83 -21.29
N LEU A 198 24.22 -6.87 -21.53
CA LEU A 198 23.08 -6.75 -22.43
C LEU A 198 21.93 -6.28 -21.54
N GLU A 199 21.66 -4.97 -21.58
CA GLU A 199 20.61 -4.39 -20.74
C GLU A 199 19.21 -4.37 -21.32
N ILE A 200 18.24 -4.61 -20.45
CA ILE A 200 16.84 -4.64 -20.81
C ILE A 200 16.46 -3.20 -21.22
N THR A 201 17.13 -2.22 -20.60
CA THR A 201 16.86 -0.83 -20.90
C THR A 201 17.03 -0.56 -22.39
N ASP A 202 18.04 -1.16 -23.00
CA ASP A 202 18.25 -0.95 -24.44
C ASP A 202 17.09 -1.51 -25.25
N ILE A 203 16.45 -2.55 -24.73
CA ILE A 203 15.31 -3.15 -25.39
C ILE A 203 14.13 -2.19 -25.26
N ASN A 204 13.96 -1.61 -24.07
CA ASN A 204 12.89 -0.66 -23.83
C ASN A 204 13.06 0.58 -24.70
N ARG A 205 14.30 0.92 -25.04
CA ARG A 205 14.55 2.09 -25.88
C ARG A 205 14.13 1.81 -27.33
N ILE A 206 14.37 0.59 -27.79
CA ILE A 206 14.00 0.18 -29.15
C ILE A 206 12.48 0.23 -29.27
N TYR A 207 11.77 -0.29 -28.26
CA TYR A 207 10.31 -0.26 -28.30
C TYR A 207 9.83 1.18 -28.31
N MET A 208 10.54 2.05 -27.60
CA MET A 208 10.16 3.45 -27.53
C MET A 208 10.43 4.20 -28.85
N GLU A 209 11.58 3.96 -29.46
CA GLU A 209 11.91 4.62 -30.72
C GLU A 209 10.92 4.22 -31.82
N GLN A 210 10.26 3.08 -31.64
CA GLN A 210 9.28 2.59 -32.61
C GLN A 210 7.87 3.04 -32.20
N GLY A 211 7.78 3.82 -31.12
CA GLY A 211 6.49 4.32 -30.65
C GLY A 211 5.56 3.21 -30.19
N ARG A 212 6.17 2.15 -29.67
CA ARG A 212 5.44 0.98 -29.21
C ARG A 212 5.64 0.73 -27.71
N LEU A 213 6.21 1.69 -26.99
CA LEU A 213 6.41 1.54 -25.55
C LEU A 213 5.37 2.30 -24.75
N SER A 214 4.72 1.59 -23.85
CA SER A 214 3.74 2.20 -22.98
C SER A 214 4.42 2.31 -21.62
N VAL A 215 4.60 3.53 -21.14
CA VAL A 215 5.21 3.69 -19.83
C VAL A 215 4.07 3.91 -18.86
N ALA A 216 3.61 2.84 -18.23
CA ALA A 216 2.51 2.92 -17.28
C ALA A 216 2.99 3.46 -15.94
N MET A 217 2.36 4.53 -15.48
CA MET A 217 2.74 5.12 -14.18
C MET A 217 2.30 4.23 -13.02
N MET A 218 3.21 4.01 -12.07
CA MET A 218 2.89 3.23 -10.89
C MET A 218 3.05 4.26 -9.76
N GLY A 219 1.93 4.79 -9.28
CA GLY A 219 1.93 5.82 -8.26
C GLY A 219 2.48 5.53 -6.88
N ARG A 220 2.60 6.58 -6.07
CA ARG A 220 3.13 6.51 -4.70
C ARG A 220 2.25 5.64 -3.79
N GLY A 221 1.04 5.37 -4.24
CA GLY A 221 0.12 4.53 -3.47
C GLY A 221 0.59 3.08 -3.46
N TYR A 222 1.41 2.73 -4.44
CA TYR A 222 1.97 1.39 -4.54
C TYR A 222 3.33 1.33 -3.89
N ALA A 223 3.73 0.12 -3.53
CA ALA A 223 5.03 -0.13 -2.94
C ALA A 223 5.86 -0.96 -3.92
N TRP A 224 7.02 -0.46 -4.30
CA TRP A 224 7.93 -1.20 -5.16
C TRP A 224 9.27 -1.16 -4.45
N LEU A 225 9.66 -2.30 -3.88
CA LEU A 225 10.90 -2.40 -3.14
C LEU A 225 11.97 -3.27 -3.79
N ASP A 226 13.23 -2.94 -3.51
CA ASP A 226 14.38 -3.67 -4.04
C ASP A 226 15.17 -4.23 -2.87
N THR A 227 15.88 -5.31 -3.10
CA THR A 227 16.66 -5.91 -2.04
C THR A 227 18.09 -6.20 -2.50
N GLY A 228 18.79 -5.13 -2.84
CA GLY A 228 20.17 -5.28 -3.30
C GLY A 228 21.18 -4.89 -2.25
N THR A 229 20.74 -4.12 -1.26
CA THR A 229 21.63 -3.69 -0.18
C THR A 229 21.13 -4.16 1.18
N HIS A 230 22.05 -4.25 2.14
CA HIS A 230 21.74 -4.67 3.50
C HIS A 230 20.56 -3.87 4.04
N GLN A 231 20.67 -2.56 3.93
CA GLN A 231 19.66 -1.63 4.38
C GLN A 231 18.28 -1.88 3.77
N SER A 232 18.21 -1.94 2.44
CA SER A 232 16.92 -2.14 1.78
C SER A 232 16.31 -3.48 2.10
N LEU A 233 17.15 -4.51 2.17
CA LEU A 233 16.68 -5.84 2.46
C LEU A 233 15.90 -5.89 3.77
N ILE A 234 16.38 -5.17 4.77
CA ILE A 234 15.73 -5.15 6.07
C ILE A 234 14.55 -4.18 6.09
N GLU A 235 14.59 -3.16 5.25
CA GLU A 235 13.50 -2.22 5.19
C GLU A 235 12.26 -2.92 4.62
N ALA A 236 12.46 -3.71 3.57
CA ALA A 236 11.37 -4.45 2.93
C ALA A 236 10.75 -5.47 3.88
N SER A 237 11.58 -6.09 4.71
CA SER A 237 11.11 -7.10 5.64
C SER A 237 10.18 -6.49 6.70
N ASN A 238 10.60 -5.35 7.25
CA ASN A 238 9.83 -4.63 8.26
C ASN A 238 8.51 -4.18 7.66
N PHE A 239 8.58 -3.77 6.40
CA PHE A 239 7.42 -3.29 5.66
C PHE A 239 6.34 -4.37 5.59
N ILE A 240 6.72 -5.52 5.06
CA ILE A 240 5.80 -6.63 4.93
C ILE A 240 5.30 -7.08 6.28
N ALA A 241 6.20 -7.07 7.26
CA ALA A 241 5.83 -7.49 8.60
C ALA A 241 4.71 -6.62 9.16
N THR A 242 4.86 -5.30 9.08
CA THR A 242 3.85 -4.38 9.57
C THR A 242 2.51 -4.69 8.92
N ILE A 243 2.51 -4.87 7.60
CA ILE A 243 1.28 -5.16 6.88
C ILE A 243 0.62 -6.45 7.35
N GLU A 244 1.35 -7.56 7.29
CA GLU A 244 0.81 -8.86 7.70
C GLU A 244 0.36 -8.94 9.16
N GLU A 245 1.14 -8.33 10.05
CA GLU A 245 0.81 -8.35 11.48
C GLU A 245 -0.52 -7.66 11.75
N ARG A 246 -0.76 -6.57 11.02
CA ARG A 246 -1.98 -5.81 11.16
C ARG A 246 -3.18 -6.49 10.52
N GLN A 247 -3.02 -6.92 9.27
CA GLN A 247 -4.10 -7.54 8.54
C GLN A 247 -4.40 -8.98 8.91
N GLY A 248 -3.37 -9.74 9.22
CA GLY A 248 -3.58 -11.14 9.53
C GLY A 248 -3.70 -11.81 8.17
N LEU A 249 -3.13 -11.16 7.16
CA LEU A 249 -3.14 -11.69 5.81
C LEU A 249 -1.71 -11.65 5.31
N LYS A 250 -1.27 -12.70 4.63
CA LYS A 250 0.09 -12.72 4.12
C LYS A 250 0.22 -12.00 2.79
N VAL A 251 1.37 -11.37 2.56
CA VAL A 251 1.60 -10.68 1.29
C VAL A 251 2.34 -11.67 0.40
N SER A 252 1.83 -11.83 -0.81
CA SER A 252 2.41 -12.74 -1.79
C SER A 252 2.58 -14.23 -1.34
N CYS A 253 1.52 -14.87 -0.87
CA CYS A 253 1.56 -16.29 -0.47
C CYS A 253 1.13 -17.10 -1.70
N PRO A 254 2.07 -17.74 -2.41
CA PRO A 254 1.77 -18.53 -3.61
C PRO A 254 0.57 -19.45 -3.43
N GLU A 255 0.52 -20.18 -2.30
CA GLU A 255 -0.62 -21.08 -2.07
C GLU A 255 -1.93 -20.34 -2.02
N GLU A 256 -1.94 -19.17 -1.40
CA GLU A 256 -3.17 -18.39 -1.30
C GLU A 256 -3.61 -17.81 -2.63
N ILE A 257 -2.66 -17.27 -3.39
CA ILE A 257 -3.02 -16.68 -4.66
C ILE A 257 -3.49 -17.79 -5.59
N ALA A 258 -2.83 -18.95 -5.53
CA ALA A 258 -3.24 -20.07 -6.36
C ALA A 258 -4.70 -20.41 -6.04
N PHE A 259 -5.03 -20.50 -4.76
CA PHE A 259 -6.40 -20.82 -4.39
C PHE A 259 -7.39 -19.74 -4.83
N ARG A 260 -7.11 -18.49 -4.45
CA ARG A 260 -8.01 -17.40 -4.82
C ARG A 260 -8.20 -17.24 -6.33
N LYS A 261 -7.19 -17.57 -7.13
CA LYS A 261 -7.32 -17.46 -8.59
C LYS A 261 -7.77 -18.77 -9.23
N ASN A 262 -8.10 -19.76 -8.39
CA ASN A 262 -8.58 -21.04 -8.89
C ASN A 262 -7.60 -21.92 -9.64
N PHE A 263 -6.31 -21.77 -9.34
CA PHE A 263 -5.28 -22.58 -10.00
C PHE A 263 -5.39 -23.95 -9.31
N ILE A 264 -5.85 -23.91 -8.07
CA ILE A 264 -6.06 -25.11 -7.27
C ILE A 264 -7.32 -24.82 -6.44
N ASN A 265 -7.97 -25.87 -5.95
CA ASN A 265 -9.16 -25.70 -5.14
C ASN A 265 -8.85 -25.94 -3.66
N ALA A 266 -9.90 -25.92 -2.84
CA ALA A 266 -9.76 -26.08 -1.40
C ALA A 266 -9.15 -27.40 -0.94
N GLN A 267 -9.50 -28.50 -1.60
CA GLN A 267 -8.95 -29.81 -1.22
C GLN A 267 -7.44 -29.82 -1.31
N GLN A 268 -6.93 -29.22 -2.37
CA GLN A 268 -5.49 -29.16 -2.60
C GLN A 268 -4.82 -28.33 -1.50
N VAL A 269 -5.45 -27.22 -1.14
CA VAL A 269 -4.94 -26.37 -0.09
C VAL A 269 -4.90 -27.16 1.20
N ILE A 270 -5.99 -27.83 1.54
CA ILE A 270 -6.05 -28.63 2.76
C ILE A 270 -4.94 -29.67 2.80
N GLU A 271 -4.73 -30.34 1.67
CA GLU A 271 -3.70 -31.38 1.57
C GLU A 271 -2.29 -30.80 1.74
N LEU A 272 -2.10 -29.57 1.28
CA LEU A 272 -0.80 -28.93 1.43
C LEU A 272 -0.62 -28.41 2.84
N ALA A 273 -1.70 -27.87 3.41
CA ALA A 273 -1.65 -27.31 4.76
C ALA A 273 -1.41 -28.34 5.84
N GLY A 274 -2.11 -29.47 5.73
CA GLY A 274 -2.00 -30.53 6.70
C GLY A 274 -0.60 -30.79 7.25
N PRO A 275 0.37 -31.19 6.39
CA PRO A 275 1.75 -31.46 6.79
C PRO A 275 2.54 -30.25 7.29
N LEU A 276 1.92 -29.08 7.20
CA LEU A 276 2.57 -27.85 7.64
C LEU A 276 1.77 -27.19 8.76
N SER A 277 0.65 -27.78 9.12
CA SER A 277 -0.22 -27.23 10.15
C SER A 277 0.47 -27.07 11.49
N LYS A 278 1.59 -27.76 11.67
CA LYS A 278 2.35 -27.67 12.91
C LYS A 278 2.98 -26.28 13.07
N ASN A 279 3.23 -25.59 11.95
CA ASN A 279 3.79 -24.23 11.98
C ASN A 279 2.71 -23.18 11.59
N ASP A 280 3.06 -21.90 11.70
CA ASP A 280 2.11 -20.81 11.41
C ASP A 280 1.65 -20.74 9.94
N TYR A 281 2.55 -21.06 9.02
CA TYR A 281 2.23 -21.03 7.59
C TYR A 281 1.11 -22.01 7.29
N GLY A 282 1.22 -23.21 7.86
CA GLY A 282 0.21 -24.22 7.64
C GLY A 282 -1.13 -23.77 8.20
N LYS A 283 -1.10 -23.20 9.40
CA LYS A 283 -2.29 -22.70 10.06
C LYS A 283 -2.88 -21.55 9.25
N TYR A 284 -2.01 -20.81 8.58
CA TYR A 284 -2.48 -19.71 7.78
C TYR A 284 -3.31 -20.27 6.62
N LEU A 285 -2.78 -21.30 5.96
CA LEU A 285 -3.48 -21.90 4.83
C LEU A 285 -4.81 -22.53 5.24
N LEU A 286 -4.86 -23.14 6.42
CA LEU A 286 -6.09 -23.78 6.92
C LEU A 286 -7.16 -22.75 7.27
N LYS A 287 -6.74 -21.65 7.85
CA LYS A 287 -7.67 -20.59 8.21
C LYS A 287 -8.26 -20.02 6.91
N MET A 288 -7.43 -19.96 5.88
CA MET A 288 -7.87 -19.45 4.59
C MET A 288 -9.04 -20.22 3.97
N VAL A 289 -9.09 -21.53 4.20
CA VAL A 289 -10.17 -22.35 3.65
C VAL A 289 -11.16 -22.77 4.73
N MET B 1 -25.58 16.51 -1.62
CA MET B 1 -24.65 17.47 -0.96
C MET B 1 -23.27 16.83 -0.75
N LYS B 2 -22.23 17.43 -1.33
CA LYS B 2 -20.89 16.90 -1.16
C LYS B 2 -20.41 17.17 0.26
N THR B 3 -20.06 16.12 0.98
CA THR B 3 -19.59 16.27 2.36
C THR B 3 -18.41 17.24 2.39
N ARG B 4 -18.59 18.35 3.09
CA ARG B 4 -17.56 19.36 3.21
C ARG B 4 -17.11 19.61 4.65
N LYS B 5 -17.76 18.95 5.60
CA LYS B 5 -17.38 19.09 7.00
C LYS B 5 -16.82 17.80 7.54
N GLY B 6 -15.82 17.91 8.42
CA GLY B 6 -15.22 16.74 9.01
C GLY B 6 -14.88 17.01 10.46
N ILE B 7 -14.83 15.93 11.24
CA ILE B 7 -14.50 16.04 12.66
C ILE B 7 -13.37 15.07 12.94
N ILE B 8 -12.32 15.55 13.61
CA ILE B 8 -11.21 14.68 13.97
C ILE B 8 -11.28 14.46 15.47
N LEU B 9 -11.60 13.25 15.88
CA LEU B 9 -11.69 12.95 17.29
C LEU B 9 -10.28 12.61 17.78
N ALA B 10 -9.65 13.58 18.45
CA ALA B 10 -8.29 13.45 18.94
C ALA B 10 -8.15 13.50 20.45
N GLY B 11 -9.07 12.89 21.18
CA GLY B 11 -8.99 12.88 22.63
C GLY B 11 -8.73 11.49 23.17
N GLY B 12 -9.54 11.10 24.16
CA GLY B 12 -9.41 9.77 24.75
C GLY B 12 -8.38 9.73 25.86
N SER B 13 -8.49 8.72 26.72
CA SER B 13 -7.55 8.57 27.83
C SER B 13 -6.21 8.00 27.39
N GLY B 14 -6.23 7.16 26.36
CA GLY B 14 -5.00 6.57 25.84
C GLY B 14 -4.21 5.84 26.92
N THR B 15 -4.91 5.10 27.76
CA THR B 15 -4.30 4.37 28.87
C THR B 15 -3.40 3.21 28.44
N ARG B 16 -3.59 2.71 27.22
CA ARG B 16 -2.78 1.58 26.74
C ARG B 16 -1.34 1.95 26.39
N LEU B 17 -1.09 3.21 26.05
CA LEU B 17 0.25 3.64 25.69
C LEU B 17 1.05 4.16 26.89
N TYR B 18 0.42 4.14 28.07
CA TYR B 18 1.06 4.60 29.29
C TYR B 18 2.45 3.99 29.42
N PRO B 19 3.45 4.79 29.82
CA PRO B 19 3.35 6.21 30.15
C PRO B 19 3.66 7.22 29.04
N VAL B 20 3.83 6.77 27.80
CA VAL B 20 4.16 7.74 26.76
C VAL B 20 3.09 8.83 26.64
N THR B 21 1.84 8.48 26.90
CA THR B 21 0.74 9.43 26.79
C THR B 21 0.43 10.18 28.08
N MET B 22 1.35 10.11 29.05
CA MET B 22 1.17 10.78 30.31
C MET B 22 1.59 12.25 30.22
N ALA B 23 2.54 12.55 29.33
CA ALA B 23 3.03 13.91 29.17
C ALA B 23 2.73 14.49 27.80
N VAL B 24 2.40 13.62 26.84
CA VAL B 24 2.08 14.07 25.49
C VAL B 24 0.87 13.36 24.91
N SER B 25 -0.02 14.12 24.28
CA SER B 25 -1.22 13.58 23.67
C SER B 25 -0.89 12.52 22.63
N GLN B 26 -1.63 11.41 22.65
CA GLN B 26 -1.40 10.34 21.70
C GLN B 26 -1.42 10.84 20.24
N GLN B 27 -2.39 11.69 19.92
CA GLN B 27 -2.48 12.23 18.56
C GLN B 27 -1.38 13.23 18.22
N LEU B 28 -0.48 13.51 19.16
CA LEU B 28 0.64 14.41 18.89
C LEU B 28 1.94 13.60 18.81
N LEU B 29 1.86 12.33 19.20
CA LEU B 29 3.02 11.43 19.15
C LEU B 29 3.48 11.37 17.72
N PRO B 30 4.78 11.22 17.49
CA PRO B 30 5.26 11.16 16.12
C PRO B 30 5.10 9.82 15.39
N ILE B 31 4.88 9.92 14.09
CA ILE B 31 4.81 8.76 13.23
C ILE B 31 5.91 9.09 12.23
N TYR B 32 7.11 8.70 12.62
CA TYR B 32 8.33 8.91 11.87
C TYR B 32 8.83 10.35 11.75
N ASP B 33 8.21 11.13 10.87
CA ASP B 33 8.65 12.51 10.67
C ASP B 33 7.60 13.59 10.84
N LYS B 34 6.47 13.24 11.43
CA LYS B 34 5.42 14.24 11.61
C LYS B 34 4.43 13.76 12.68
N PRO B 35 3.72 14.71 13.31
CA PRO B 35 2.74 14.43 14.36
C PRO B 35 1.67 13.48 13.87
N MET B 36 1.22 12.57 14.73
CA MET B 36 0.18 11.62 14.33
C MET B 36 -1.06 12.29 13.73
N ILE B 37 -1.49 13.42 14.28
CA ILE B 37 -2.70 14.07 13.77
C ILE B 37 -2.61 14.51 12.30
N TYR B 38 -1.39 14.71 11.78
CA TYR B 38 -1.24 15.09 10.37
C TYR B 38 -1.83 14.02 9.44
N TYR B 39 -1.80 12.76 9.85
CA TYR B 39 -2.33 11.67 9.02
C TYR B 39 -3.84 11.71 8.84
N PRO B 40 -4.61 11.57 9.93
CA PRO B 40 -6.07 11.62 9.72
C PRO B 40 -6.45 12.97 9.13
N LEU B 41 -5.69 14.01 9.46
CA LEU B 41 -5.99 15.33 8.91
C LEU B 41 -5.84 15.29 7.39
N SER B 42 -4.79 14.63 6.92
CA SER B 42 -4.53 14.53 5.49
C SER B 42 -5.62 13.72 4.77
N THR B 43 -6.17 12.74 5.48
CA THR B 43 -7.21 11.88 4.94
C THR B 43 -8.44 12.74 4.60
N LEU B 44 -8.82 13.63 5.51
CA LEU B 44 -9.94 14.52 5.28
C LEU B 44 -9.60 15.48 4.16
N MET B 45 -8.36 15.97 4.14
CA MET B 45 -7.95 16.90 3.10
C MET B 45 -8.08 16.22 1.74
N LEU B 46 -7.65 14.97 1.67
CA LEU B 46 -7.73 14.19 0.42
C LEU B 46 -9.16 13.86 0.02
N ALA B 47 -10.07 13.91 0.99
CA ALA B 47 -11.46 13.63 0.73
C ALA B 47 -12.18 14.92 0.31
N GLY B 48 -11.43 16.02 0.21
CA GLY B 48 -12.01 17.29 -0.19
C GLY B 48 -12.64 18.06 0.96
N ILE B 49 -12.49 17.57 2.18
CA ILE B 49 -13.04 18.21 3.36
C ILE B 49 -12.07 19.22 3.96
N ARG B 50 -12.43 20.51 3.92
CA ARG B 50 -11.57 21.56 4.44
C ARG B 50 -12.02 22.23 5.73
N ASP B 51 -13.30 22.11 6.06
CA ASP B 51 -13.85 22.69 7.29
C ASP B 51 -13.83 21.58 8.32
N ILE B 52 -12.89 21.66 9.25
CA ILE B 52 -12.66 20.60 10.26
C ILE B 52 -12.65 21.03 11.72
N LEU B 53 -13.40 20.30 12.55
CA LEU B 53 -13.47 20.55 13.98
C LEU B 53 -12.61 19.53 14.68
N ILE B 54 -11.70 19.97 15.54
CA ILE B 54 -10.85 19.04 16.24
C ILE B 54 -11.30 18.96 17.70
N ILE B 55 -11.69 17.76 18.12
CA ILE B 55 -12.13 17.55 19.49
C ILE B 55 -11.06 16.78 20.25
N SER B 56 -10.63 17.31 21.39
CA SER B 56 -9.66 16.60 22.20
C SER B 56 -10.00 16.82 23.67
N THR B 57 -9.10 16.44 24.56
CA THR B 57 -9.35 16.59 25.97
C THR B 57 -9.25 18.06 26.36
N PRO B 58 -9.69 18.41 27.59
CA PRO B 58 -9.59 19.81 27.99
C PRO B 58 -8.14 20.25 28.05
N GLN B 59 -7.24 19.32 28.35
CA GLN B 59 -5.84 19.68 28.43
C GLN B 59 -5.16 19.78 27.06
N ASP B 60 -5.42 18.81 26.18
CA ASP B 60 -4.79 18.79 24.86
C ASP B 60 -5.43 19.64 23.77
N THR B 61 -6.74 19.84 23.79
CA THR B 61 -7.39 20.62 22.76
C THR B 61 -6.62 21.91 22.46
N PRO B 62 -6.19 22.64 23.49
CA PRO B 62 -5.45 23.89 23.25
C PRO B 62 -4.08 23.64 22.61
N ARG B 63 -3.53 22.44 22.80
CA ARG B 63 -2.22 22.14 22.22
C ARG B 63 -2.33 21.92 20.72
N PHE B 64 -3.38 21.24 20.28
CA PHE B 64 -3.56 21.03 18.85
C PHE B 64 -3.76 22.39 18.24
N GLN B 65 -4.48 23.24 18.96
CA GLN B 65 -4.77 24.59 18.51
C GLN B 65 -3.49 25.38 18.31
N GLN B 66 -2.55 25.31 19.24
CA GLN B 66 -1.30 26.05 19.07
C GLN B 66 -0.48 25.50 17.91
N LEU B 67 -0.56 24.19 17.69
CA LEU B 67 0.20 23.54 16.62
C LEU B 67 -0.32 23.87 15.22
N LEU B 68 -1.64 23.80 15.06
CA LEU B 68 -2.29 23.99 13.76
C LEU B 68 -2.97 25.33 13.51
N GLY B 69 -3.36 26.01 14.58
CA GLY B 69 -4.04 27.29 14.44
C GLY B 69 -5.35 27.15 13.70
N ASP B 70 -5.79 28.20 13.01
CA ASP B 70 -7.06 28.10 12.30
C ASP B 70 -6.91 27.28 11.01
N GLY B 71 -5.71 26.80 10.75
CA GLY B 71 -5.47 26.00 9.57
C GLY B 71 -5.49 26.74 8.25
N SER B 72 -5.68 28.06 8.28
CA SER B 72 -5.73 28.84 7.03
C SER B 72 -4.43 28.77 6.20
N GLN B 73 -3.32 28.42 6.84
CA GLN B 73 -2.04 28.33 6.14
C GLN B 73 -2.06 27.18 5.14
N TRP B 74 -2.94 26.22 5.38
CA TRP B 74 -3.08 25.06 4.51
C TRP B 74 -4.41 25.17 3.76
N GLY B 75 -4.97 26.37 3.75
CA GLY B 75 -6.23 26.60 3.07
C GLY B 75 -7.38 25.88 3.76
N LEU B 76 -7.25 25.64 5.05
CA LEU B 76 -8.30 24.95 5.79
C LEU B 76 -8.99 25.89 6.78
N ASN B 77 -10.08 25.41 7.37
CA ASN B 77 -10.82 26.17 8.38
C ASN B 77 -10.95 25.21 9.57
N LEU B 78 -10.05 25.34 10.53
CA LEU B 78 -10.07 24.47 11.72
C LEU B 78 -10.72 25.13 12.92
N GLN B 79 -11.52 24.35 13.63
CA GLN B 79 -12.22 24.83 14.82
C GLN B 79 -11.90 23.81 15.91
N TYR B 80 -12.00 24.23 17.16
CA TYR B 80 -11.69 23.34 18.26
C TYR B 80 -12.74 23.29 19.34
N LYS B 81 -12.98 22.09 19.88
CA LYS B 81 -13.93 21.97 20.95
C LYS B 81 -13.43 20.92 21.92
N VAL B 82 -13.71 21.14 23.21
CA VAL B 82 -13.25 20.23 24.23
C VAL B 82 -14.24 19.12 24.55
N GLN B 83 -13.71 17.95 24.84
CA GLN B 83 -14.53 16.81 25.24
C GLN B 83 -14.20 16.64 26.72
N PRO B 84 -15.10 17.10 27.60
CA PRO B 84 -14.92 17.00 29.05
C PRO B 84 -14.30 15.68 29.47
N SER B 85 -15.02 14.59 29.18
CA SER B 85 -14.54 13.25 29.52
C SER B 85 -14.73 12.31 28.34
N PRO B 86 -13.88 11.28 28.23
CA PRO B 86 -13.98 10.32 27.13
C PRO B 86 -15.19 9.41 27.30
N ASP B 87 -16.38 10.00 27.15
CA ASP B 87 -17.64 9.29 27.29
C ASP B 87 -17.96 8.42 26.08
N GLY B 88 -17.17 8.51 25.02
CA GLY B 88 -17.45 7.69 23.85
C GLY B 88 -17.30 8.42 22.53
N THR B 89 -16.84 7.69 21.52
CA THR B 89 -16.61 8.27 20.20
C THR B 89 -17.85 8.91 19.58
N ALA B 90 -19.02 8.30 19.78
CA ALA B 90 -20.25 8.84 19.20
C ALA B 90 -20.58 10.20 19.81
N GLN B 91 -19.95 10.51 20.93
CA GLN B 91 -20.22 11.79 21.59
C GLN B 91 -19.68 12.96 20.76
N ALA B 92 -18.90 12.64 19.74
CA ALA B 92 -18.32 13.67 18.86
C ALA B 92 -19.40 14.48 18.16
N PHE B 93 -20.51 13.83 17.82
CA PHE B 93 -21.60 14.49 17.11
C PHE B 93 -22.50 15.36 18.00
N ILE B 94 -22.43 15.15 19.31
CA ILE B 94 -23.19 15.95 20.25
C ILE B 94 -22.35 17.22 20.49
N ILE B 95 -21.07 17.01 20.73
CA ILE B 95 -20.14 18.10 20.95
C ILE B 95 -20.09 18.99 19.71
N GLY B 96 -20.04 18.36 18.53
CA GLY B 96 -19.99 19.14 17.30
C GLY B 96 -21.34 19.43 16.67
N GLU B 97 -22.42 19.34 17.45
CA GLU B 97 -23.76 19.61 16.93
C GLU B 97 -23.86 21.00 16.29
N GLU B 98 -23.32 22.01 16.97
CA GLU B 98 -23.38 23.36 16.41
C GLU B 98 -22.54 23.43 15.14
N PHE B 99 -21.32 22.89 15.19
CA PHE B 99 -20.42 22.89 14.03
C PHE B 99 -21.03 22.22 12.81
N ILE B 100 -21.74 21.11 13.02
CA ILE B 100 -22.36 20.37 11.94
C ILE B 100 -23.56 21.08 11.32
N GLY B 101 -24.48 21.54 12.16
CA GLY B 101 -25.65 22.23 11.65
C GLY B 101 -26.57 21.24 10.95
N HIS B 102 -26.97 21.59 9.73
CA HIS B 102 -27.86 20.75 8.94
C HIS B 102 -27.09 19.96 7.89
N ASP B 103 -25.76 20.10 7.89
CA ASP B 103 -24.96 19.42 6.88
C ASP B 103 -24.51 18.00 7.17
N ASP B 104 -23.92 17.40 6.14
CA ASP B 104 -23.39 16.07 6.28
C ASP B 104 -22.07 16.28 6.99
N CYS B 105 -21.53 15.21 7.56
CA CYS B 105 -20.27 15.34 8.27
C CYS B 105 -19.53 14.01 8.35
N ALA B 106 -18.22 14.08 8.15
CA ALA B 106 -17.35 12.92 8.20
C ALA B 106 -16.71 12.91 9.58
N LEU B 107 -16.27 11.74 10.03
CA LEU B 107 -15.60 11.61 11.32
C LEU B 107 -14.40 10.69 11.13
N VAL B 108 -13.23 11.11 11.62
CA VAL B 108 -12.05 10.27 11.53
C VAL B 108 -11.38 10.28 12.90
N LEU B 109 -10.88 9.13 13.31
CA LEU B 109 -10.21 9.02 14.59
C LEU B 109 -8.82 9.64 14.47
N GLY B 110 -8.45 10.44 15.47
CA GLY B 110 -7.15 11.10 15.45
C GLY B 110 -5.94 10.18 15.38
N ASP B 111 -6.13 8.89 15.66
CA ASP B 111 -5.01 7.97 15.62
C ASP B 111 -5.07 7.02 14.43
N ASN B 112 -5.96 7.30 13.48
CA ASN B 112 -6.10 6.46 12.29
C ASN B 112 -5.22 6.93 11.14
N ILE B 113 -4.44 5.99 10.63
CA ILE B 113 -3.54 6.24 9.52
C ILE B 113 -3.96 5.39 8.33
N PHE B 114 -4.40 6.04 7.26
CA PHE B 114 -4.81 5.32 6.06
C PHE B 114 -3.78 5.55 4.95
N TYR B 115 -3.55 4.53 4.12
CA TYR B 115 -2.61 4.66 3.01
C TYR B 115 -2.85 3.61 1.94
N GLY B 116 -2.88 4.03 0.68
CA GLY B 116 -3.07 3.09 -0.39
C GLY B 116 -3.49 3.72 -1.71
N HIS B 117 -3.19 3.04 -2.80
CA HIS B 117 -3.54 3.55 -4.11
C HIS B 117 -5.05 3.63 -4.26
N ASP B 118 -5.52 4.77 -4.75
CA ASP B 118 -6.95 5.04 -4.97
C ASP B 118 -7.72 5.43 -3.70
N LEU B 119 -7.01 5.60 -2.59
CA LEU B 119 -7.66 5.97 -1.33
C LEU B 119 -8.60 7.16 -1.55
N PRO B 120 -8.11 8.23 -2.22
CA PRO B 120 -8.94 9.41 -2.48
C PRO B 120 -10.20 9.04 -3.24
N LYS B 121 -10.05 8.13 -4.20
CA LYS B 121 -11.17 7.67 -5.01
C LYS B 121 -12.19 6.98 -4.12
N LEU B 122 -11.70 6.21 -3.16
CA LEU B 122 -12.54 5.48 -2.24
C LEU B 122 -13.42 6.40 -1.41
N MET B 123 -12.81 7.41 -0.82
CA MET B 123 -13.54 8.35 0.03
C MET B 123 -14.47 9.21 -0.82
N GLU B 124 -13.98 9.61 -1.99
CA GLU B 124 -14.77 10.43 -2.90
C GLU B 124 -16.17 9.82 -3.06
N ALA B 125 -16.23 8.51 -3.28
CA ALA B 125 -17.51 7.86 -3.45
C ALA B 125 -18.41 8.05 -2.23
N ALA B 126 -17.85 7.94 -1.03
CA ALA B 126 -18.63 8.12 0.19
C ALA B 126 -18.96 9.59 0.45
N VAL B 127 -18.09 10.48 -0.01
CA VAL B 127 -18.29 11.90 0.17
C VAL B 127 -19.46 12.45 -0.64
N ASN B 128 -19.71 11.83 -1.79
CA ASN B 128 -20.80 12.28 -2.66
C ASN B 128 -22.14 11.59 -2.44
N LYS B 129 -22.22 10.68 -1.47
CA LYS B 129 -23.47 9.99 -1.22
C LYS B 129 -24.53 10.98 -0.71
N GLU B 130 -25.69 10.99 -1.37
CA GLU B 130 -26.78 11.88 -1.02
C GLU B 130 -27.16 11.77 0.45
N SER B 131 -27.53 10.57 0.87
CA SER B 131 -27.90 10.35 2.25
C SER B 131 -27.38 9.02 2.75
N GLY B 132 -27.66 8.72 4.01
CA GLY B 132 -27.17 7.47 4.56
C GLY B 132 -25.83 7.65 5.23
N ALA B 133 -25.06 6.57 5.31
CA ALA B 133 -23.76 6.60 5.94
C ALA B 133 -22.81 5.64 5.26
N THR B 134 -21.51 5.89 5.39
CA THR B 134 -20.54 5.00 4.79
C THR B 134 -19.39 4.74 5.76
N VAL B 135 -19.13 3.45 6.02
CA VAL B 135 -18.04 3.03 6.87
C VAL B 135 -17.22 2.08 6.02
N PHE B 136 -16.03 1.74 6.50
CA PHE B 136 -15.18 0.85 5.76
C PHE B 136 -14.82 -0.37 6.56
N ALA B 137 -14.77 -1.51 5.88
CA ALA B 137 -14.45 -2.79 6.50
C ALA B 137 -13.05 -3.21 6.08
N TYR B 138 -12.19 -3.46 7.07
CA TYR B 138 -10.80 -3.85 6.83
C TYR B 138 -10.48 -5.17 7.54
N HIS B 139 -9.83 -6.09 6.84
CA HIS B 139 -9.48 -7.38 7.44
C HIS B 139 -8.30 -7.15 8.41
N VAL B 140 -8.52 -7.50 9.69
CA VAL B 140 -7.50 -7.35 10.71
C VAL B 140 -7.21 -8.66 11.42
N ASN B 141 -6.07 -8.73 12.09
CA ASN B 141 -5.71 -9.95 12.78
C ASN B 141 -6.37 -10.12 14.14
N ASP B 142 -6.81 -9.00 14.72
CA ASP B 142 -7.43 -9.05 16.04
C ASP B 142 -8.76 -8.29 16.06
N PRO B 143 -9.82 -8.88 15.46
CA PRO B 143 -11.16 -8.31 15.38
C PRO B 143 -11.79 -7.95 16.73
N GLU B 144 -11.52 -8.78 17.74
CA GLU B 144 -12.07 -8.59 19.07
C GLU B 144 -11.88 -7.17 19.60
N ARG B 145 -10.87 -6.48 19.10
CA ARG B 145 -10.57 -5.13 19.56
C ARG B 145 -11.33 -4.01 18.87
N TYR B 146 -12.17 -4.32 17.89
CA TYR B 146 -12.92 -3.27 17.19
C TYR B 146 -14.37 -3.63 16.91
N GLY B 147 -15.05 -2.73 16.21
CA GLY B 147 -16.42 -2.99 15.82
C GLY B 147 -16.25 -4.00 14.73
N VAL B 148 -16.97 -5.11 14.83
CA VAL B 148 -16.85 -6.16 13.83
C VAL B 148 -18.09 -6.20 12.98
N VAL B 149 -17.91 -6.43 11.68
CA VAL B 149 -19.04 -6.52 10.78
C VAL B 149 -19.12 -7.93 10.22
N GLU B 150 -20.28 -8.55 10.38
CA GLU B 150 -20.54 -9.92 9.88
C GLU B 150 -21.23 -9.82 8.52
N PHE B 151 -20.95 -10.78 7.64
CA PHE B 151 -21.59 -10.79 6.32
C PHE B 151 -22.37 -12.09 6.14
N ASP B 152 -23.45 -12.05 5.37
CA ASP B 152 -24.23 -13.24 5.12
C ASP B 152 -23.52 -14.02 4.01
N GLN B 153 -24.10 -15.15 3.59
CA GLN B 153 -23.49 -15.96 2.54
C GLN B 153 -23.33 -15.16 1.23
N ALA B 154 -24.25 -14.26 0.95
CA ALA B 154 -24.19 -13.44 -0.26
C ALA B 154 -23.11 -12.36 -0.15
N GLY B 155 -22.51 -12.27 1.03
CA GLY B 155 -21.46 -11.29 1.25
C GLY B 155 -21.98 -9.90 1.59
N THR B 156 -23.13 -9.84 2.24
CA THR B 156 -23.73 -8.57 2.60
C THR B 156 -23.65 -8.33 4.11
N ALA B 157 -23.20 -7.14 4.50
CA ALA B 157 -23.09 -6.78 5.91
C ALA B 157 -24.44 -6.96 6.59
N VAL B 158 -24.51 -7.87 7.56
CA VAL B 158 -25.76 -8.14 8.25
C VAL B 158 -25.84 -7.67 9.70
N SER B 159 -24.70 -7.50 10.36
CA SER B 159 -24.69 -7.06 11.74
C SER B 159 -23.36 -6.40 12.16
N LEU B 160 -23.38 -5.69 13.28
CA LEU B 160 -22.20 -5.02 13.81
C LEU B 160 -22.12 -5.30 15.31
N GLU B 161 -20.94 -5.71 15.78
CA GLU B 161 -20.76 -5.97 17.19
C GLU B 161 -19.50 -5.29 17.68
N GLU B 162 -19.64 -4.56 18.79
CA GLU B 162 -18.53 -3.83 19.38
C GLU B 162 -17.67 -4.75 20.22
N LYS B 163 -16.44 -4.97 19.81
CA LYS B 163 -15.52 -5.82 20.56
C LYS B 163 -16.16 -7.15 20.97
N PRO B 164 -16.59 -7.95 19.99
CA PRO B 164 -17.22 -9.23 20.29
C PRO B 164 -16.24 -10.26 20.85
N LEU B 165 -16.69 -11.01 21.86
CA LEU B 165 -15.86 -12.05 22.47
C LEU B 165 -15.59 -13.11 21.40
N GLN B 166 -16.57 -13.30 20.52
CA GLN B 166 -16.47 -14.26 19.43
C GLN B 166 -16.75 -13.55 18.11
N PRO B 167 -15.75 -12.87 17.55
CA PRO B 167 -15.92 -12.15 16.27
C PRO B 167 -16.56 -13.03 15.21
N LYS B 168 -17.55 -12.48 14.49
CA LYS B 168 -18.22 -13.23 13.44
C LYS B 168 -17.46 -13.15 12.12
N SER B 169 -16.36 -12.39 12.13
CA SER B 169 -15.52 -12.22 10.96
C SER B 169 -14.25 -11.47 11.37
N ASN B 170 -13.27 -11.43 10.46
CA ASN B 170 -12.02 -10.74 10.73
C ASN B 170 -12.01 -9.32 10.17
N TYR B 171 -13.18 -8.82 9.78
CA TYR B 171 -13.29 -7.48 9.24
C TYR B 171 -13.72 -6.49 10.31
N ALA B 172 -12.86 -5.51 10.58
CA ALA B 172 -13.16 -4.50 11.57
C ALA B 172 -13.66 -3.24 10.85
N VAL B 173 -14.35 -2.38 11.57
CA VAL B 173 -14.83 -1.14 10.99
C VAL B 173 -13.76 -0.12 11.32
N THR B 174 -13.18 0.51 10.30
CA THR B 174 -12.13 1.49 10.52
C THR B 174 -12.65 2.75 11.18
N GLY B 175 -11.75 3.64 11.59
CA GLY B 175 -12.16 4.87 12.23
C GLY B 175 -12.40 6.05 11.31
N LEU B 176 -12.82 5.77 10.08
CA LEU B 176 -13.14 6.83 9.11
C LEU B 176 -14.58 6.56 8.73
N TYR B 177 -15.44 7.52 9.05
CA TYR B 177 -16.86 7.38 8.78
C TYR B 177 -17.46 8.61 8.08
N PHE B 178 -18.40 8.36 7.16
CA PHE B 178 -19.09 9.42 6.42
C PHE B 178 -20.59 9.34 6.72
N TYR B 179 -21.11 10.35 7.41
CA TYR B 179 -22.53 10.39 7.79
C TYR B 179 -23.31 11.56 7.18
N ASP B 180 -24.63 11.43 7.16
CA ASP B 180 -25.46 12.54 6.69
C ASP B 180 -25.89 13.29 7.95
N ASN B 181 -26.74 14.30 7.82
CA ASN B 181 -27.14 15.08 8.98
C ASN B 181 -27.88 14.34 10.08
N SER B 182 -28.54 13.23 9.74
CA SER B 182 -29.31 12.48 10.73
C SER B 182 -28.44 11.90 11.85
N VAL B 183 -27.12 11.88 11.67
CA VAL B 183 -26.26 11.32 12.70
C VAL B 183 -26.37 12.11 14.01
N VAL B 184 -26.51 13.43 13.93
CA VAL B 184 -26.62 14.22 15.15
C VAL B 184 -27.79 13.76 16.02
N GLU B 185 -28.95 13.61 15.42
CA GLU B 185 -30.15 13.17 16.12
C GLU B 185 -29.95 11.78 16.77
N MET B 186 -29.21 10.89 16.12
CA MET B 186 -28.94 9.55 16.67
C MET B 186 -28.07 9.57 17.92
N ALA B 187 -26.96 10.28 17.85
CA ALA B 187 -26.05 10.35 18.98
C ALA B 187 -26.72 10.99 20.19
N LYS B 188 -27.56 11.99 19.94
CA LYS B 188 -28.25 12.67 21.02
C LYS B 188 -29.16 11.74 21.81
N ASN B 189 -29.73 10.75 21.13
CA ASN B 189 -30.64 9.81 21.76
C ASN B 189 -29.99 8.47 22.12
N LEU B 190 -28.68 8.38 21.96
CA LEU B 190 -27.95 7.15 22.28
C LEU B 190 -27.80 6.96 23.78
N LYS B 191 -27.97 5.73 24.23
CA LYS B 191 -27.82 5.41 25.64
C LYS B 191 -26.47 4.71 25.78
N PRO B 192 -25.70 5.06 26.81
CA PRO B 192 -24.38 4.48 27.06
C PRO B 192 -24.43 2.96 27.01
N SER B 193 -23.41 2.34 26.42
CA SER B 193 -23.35 0.89 26.32
C SER B 193 -23.03 0.28 27.67
N ALA B 194 -22.88 -1.04 27.70
CA ALA B 194 -22.57 -1.74 28.92
C ALA B 194 -21.33 -1.14 29.58
N ARG B 195 -20.37 -0.71 28.77
CA ARG B 195 -19.15 -0.12 29.29
C ARG B 195 -19.26 1.38 29.55
N GLY B 196 -20.51 1.86 29.70
CA GLY B 196 -20.74 3.26 29.96
C GLY B 196 -20.16 4.22 28.93
N GLU B 197 -20.24 3.85 27.66
CA GLU B 197 -19.72 4.72 26.61
C GLU B 197 -20.66 4.77 25.40
N LEU B 198 -20.82 5.96 24.83
CA LEU B 198 -21.67 6.16 23.65
C LEU B 198 -20.91 5.63 22.44
N GLU B 199 -21.27 4.43 22.01
CA GLU B 199 -20.61 3.73 20.91
C GLU B 199 -20.95 4.16 19.49
N ILE B 200 -19.91 4.49 18.72
CA ILE B 200 -20.09 4.88 17.33
C ILE B 200 -20.71 3.68 16.60
N THR B 201 -20.44 2.47 17.08
CA THR B 201 -20.99 1.27 16.44
C THR B 201 -22.50 1.28 16.52
N ASP B 202 -23.04 1.79 17.62
CA ASP B 202 -24.49 1.86 17.78
C ASP B 202 -25.08 2.72 16.68
N ILE B 203 -24.38 3.80 16.37
CA ILE B 203 -24.82 4.70 15.32
C ILE B 203 -24.85 3.92 14.01
N ASN B 204 -23.78 3.20 13.73
CA ASN B 204 -23.67 2.41 12.51
C ASN B 204 -24.71 1.31 12.42
N ARG B 205 -25.05 0.73 13.57
CA ARG B 205 -26.06 -0.32 13.57
C ARG B 205 -27.39 0.33 13.22
N ILE B 206 -27.63 1.54 13.73
CA ILE B 206 -28.87 2.23 13.42
C ILE B 206 -28.96 2.47 11.91
N TYR B 207 -27.86 2.90 11.27
CA TYR B 207 -27.91 3.11 9.83
C TYR B 207 -28.17 1.80 9.09
N MET B 208 -27.59 0.71 9.58
CA MET B 208 -27.78 -0.58 8.95
C MET B 208 -29.24 -1.02 9.05
N GLU B 209 -29.81 -0.93 10.24
CA GLU B 209 -31.19 -1.33 10.48
C GLU B 209 -32.18 -0.54 9.63
N GLN B 210 -31.76 0.63 9.17
CA GLN B 210 -32.59 1.49 8.33
C GLN B 210 -32.22 1.34 6.86
N GLY B 211 -31.41 0.34 6.56
CA GLY B 211 -30.98 0.12 5.19
C GLY B 211 -30.37 1.37 4.56
N ARG B 212 -29.55 2.07 5.33
CA ARG B 212 -28.92 3.29 4.84
C ARG B 212 -27.42 3.25 5.08
N LEU B 213 -26.89 2.08 5.37
CA LEU B 213 -25.46 1.96 5.65
C LEU B 213 -24.71 1.26 4.52
N SER B 214 -23.71 1.94 3.96
CA SER B 214 -22.89 1.33 2.91
C SER B 214 -21.61 0.89 3.58
N VAL B 215 -21.36 -0.41 3.58
CA VAL B 215 -20.14 -0.94 4.16
C VAL B 215 -19.21 -1.16 2.99
N ALA B 216 -18.32 -0.20 2.76
CA ALA B 216 -17.37 -0.29 1.69
C ALA B 216 -16.22 -1.15 2.17
N MET B 217 -15.77 -2.05 1.32
CA MET B 217 -14.67 -2.90 1.71
C MET B 217 -13.39 -2.14 1.44
N MET B 218 -12.43 -2.26 2.35
CA MET B 218 -11.15 -1.62 2.14
C MET B 218 -10.18 -2.80 2.03
N GLY B 219 -9.84 -3.13 0.78
CA GLY B 219 -8.96 -4.24 0.49
C GLY B 219 -7.62 -4.31 1.20
N ARG B 220 -6.99 -5.49 1.14
CA ARG B 220 -5.69 -5.72 1.77
C ARG B 220 -4.62 -4.89 1.07
N GLY B 221 -4.95 -4.40 -0.12
CA GLY B 221 -4.01 -3.60 -0.87
C GLY B 221 -3.78 -2.27 -0.15
N TYR B 222 -4.70 -1.94 0.75
CA TYR B 222 -4.58 -0.70 1.51
C TYR B 222 -3.95 -0.95 2.87
N ALA B 223 -3.38 0.11 3.45
CA ALA B 223 -2.79 0.01 4.77
C ALA B 223 -3.62 0.89 5.73
N TRP B 224 -4.11 0.28 6.81
CA TRP B 224 -4.87 0.96 7.84
C TRP B 224 -4.25 0.59 9.16
N LEU B 225 -3.65 1.56 9.83
CA LEU B 225 -3.00 1.30 11.09
C LEU B 225 -3.46 2.31 12.15
N ASP B 226 -3.58 1.85 13.39
CA ASP B 226 -3.90 2.76 14.49
C ASP B 226 -2.75 2.57 15.46
N THR B 227 -2.65 3.43 16.46
CA THR B 227 -1.56 3.28 17.40
C THR B 227 -2.09 2.92 18.77
N GLY B 228 -2.53 1.68 18.90
CA GLY B 228 -3.08 1.22 20.16
C GLY B 228 -2.04 0.71 21.13
N THR B 229 -0.96 0.16 20.59
CA THR B 229 0.11 -0.39 21.42
C THR B 229 1.47 0.15 21.02
N HIS B 230 2.43 0.08 21.94
CA HIS B 230 3.78 0.55 21.68
C HIS B 230 4.30 -0.14 20.44
N GLN B 231 4.09 -1.45 20.38
CA GLN B 231 4.53 -2.28 19.27
C GLN B 231 3.92 -1.81 17.94
N SER B 232 2.64 -1.45 17.95
CA SER B 232 1.98 -1.02 16.72
C SER B 232 2.46 0.37 16.28
N LEU B 233 2.69 1.25 17.25
CA LEU B 233 3.14 2.60 16.98
C LEU B 233 4.49 2.62 16.27
N ILE B 234 5.36 1.69 16.64
CA ILE B 234 6.69 1.61 16.05
C ILE B 234 6.67 0.96 14.67
N GLU B 235 5.74 0.03 14.46
CA GLU B 235 5.61 -0.64 13.17
C GLU B 235 5.02 0.39 12.20
N ALA B 236 4.15 1.25 12.72
CA ALA B 236 3.53 2.28 11.91
C ALA B 236 4.61 3.23 11.42
N SER B 237 5.53 3.57 12.31
CA SER B 237 6.62 4.47 11.95
C SER B 237 7.58 3.82 10.97
N ASN B 238 7.91 2.54 11.16
CA ASN B 238 8.81 1.85 10.22
C ASN B 238 8.18 1.76 8.84
N PHE B 239 6.87 1.52 8.83
CA PHE B 239 6.10 1.41 7.61
C PHE B 239 6.27 2.71 6.82
N ILE B 240 5.85 3.83 7.43
CA ILE B 240 5.96 5.15 6.77
C ILE B 240 7.39 5.50 6.37
N ALA B 241 8.34 5.12 7.21
CA ALA B 241 9.75 5.40 6.95
C ALA B 241 10.25 4.65 5.70
N THR B 242 9.96 3.36 5.61
CA THR B 242 10.40 2.59 4.45
C THR B 242 9.82 3.22 3.18
N ILE B 243 8.52 3.51 3.19
CA ILE B 243 7.87 4.12 2.03
C ILE B 243 8.50 5.46 1.62
N GLU B 244 8.64 6.38 2.56
CA GLU B 244 9.20 7.69 2.27
C GLU B 244 10.64 7.63 1.77
N GLU B 245 11.44 6.80 2.42
CA GLU B 245 12.84 6.61 2.05
C GLU B 245 12.94 6.11 0.61
N ARG B 246 12.12 5.13 0.28
CA ARG B 246 12.12 4.52 -1.05
C ARG B 246 11.64 5.46 -2.14
N GLN B 247 10.50 6.11 -1.93
CA GLN B 247 9.93 7.00 -2.93
C GLN B 247 10.55 8.37 -3.01
N GLY B 248 11.10 8.84 -1.89
CA GLY B 248 11.65 10.17 -1.88
C GLY B 248 10.43 11.08 -1.90
N LEU B 249 9.33 10.58 -1.33
CA LEU B 249 8.07 11.31 -1.23
C LEU B 249 7.54 11.13 0.18
N LYS B 250 6.85 12.13 0.71
CA LYS B 250 6.33 12.02 2.07
C LYS B 250 4.88 11.54 2.10
N VAL B 251 4.52 10.83 3.17
CA VAL B 251 3.15 10.34 3.32
C VAL B 251 2.37 11.29 4.22
N SER B 252 1.19 11.70 3.74
CA SER B 252 0.34 12.59 4.51
C SER B 252 1.02 13.88 4.98
N CYS B 253 1.66 14.61 4.09
CA CYS B 253 2.25 15.89 4.45
C CYS B 253 1.18 16.92 4.07
N PRO B 254 0.54 17.53 5.06
CA PRO B 254 -0.52 18.52 4.80
C PRO B 254 -0.10 19.62 3.84
N GLU B 255 1.07 20.21 4.05
CA GLU B 255 1.52 21.25 3.15
C GLU B 255 1.49 20.76 1.70
N GLU B 256 1.98 19.55 1.45
CA GLU B 256 1.98 19.01 0.08
C GLU B 256 0.56 18.80 -0.48
N ILE B 257 -0.31 18.17 0.30
CA ILE B 257 -1.68 17.90 -0.13
C ILE B 257 -2.46 19.19 -0.36
N ALA B 258 -2.24 20.17 0.51
CA ALA B 258 -2.92 21.44 0.35
C ALA B 258 -2.46 22.03 -0.97
N PHE B 259 -1.17 21.91 -1.26
CA PHE B 259 -0.65 22.45 -2.51
C PHE B 259 -1.13 21.71 -3.76
N ARG B 260 -1.01 20.38 -3.77
CA ARG B 260 -1.42 19.61 -4.94
C ARG B 260 -2.92 19.68 -5.21
N LYS B 261 -3.69 20.06 -4.20
CA LYS B 261 -5.12 20.18 -4.36
C LYS B 261 -5.50 21.63 -4.57
N ASN B 262 -4.48 22.48 -4.67
CA ASN B 262 -4.65 23.90 -4.92
C ASN B 262 -5.36 24.61 -3.78
N PHE B 263 -5.18 24.14 -2.56
CA PHE B 263 -5.77 24.78 -1.39
C PHE B 263 -4.96 26.04 -1.13
N ILE B 264 -3.68 25.98 -1.45
CA ILE B 264 -2.75 27.10 -1.25
C ILE B 264 -1.79 27.14 -2.43
N ASN B 265 -1.16 28.29 -2.66
CA ASN B 265 -0.21 28.39 -3.78
C ASN B 265 1.23 28.08 -3.38
N ALA B 266 2.13 28.08 -4.36
CA ALA B 266 3.53 27.78 -4.10
C ALA B 266 4.19 28.77 -3.13
N GLN B 267 3.73 30.02 -3.14
CA GLN B 267 4.26 31.05 -2.25
C GLN B 267 3.96 30.74 -0.79
N GLN B 268 2.76 30.23 -0.52
CA GLN B 268 2.40 29.89 0.85
C GLN B 268 3.26 28.73 1.34
N VAL B 269 3.55 27.79 0.43
CA VAL B 269 4.37 26.62 0.75
C VAL B 269 5.78 27.04 1.15
N ILE B 270 6.39 27.90 0.34
CA ILE B 270 7.73 28.41 0.59
C ILE B 270 7.82 29.08 1.95
N GLU B 271 6.76 29.81 2.33
CA GLU B 271 6.75 30.50 3.60
C GLU B 271 6.65 29.52 4.77
N LEU B 272 5.80 28.51 4.64
CA LEU B 272 5.66 27.55 5.71
C LEU B 272 6.87 26.62 5.77
N ALA B 273 7.49 26.38 4.61
CA ALA B 273 8.63 25.50 4.56
C ALA B 273 9.92 26.12 5.09
N GLY B 274 9.97 27.45 5.10
CA GLY B 274 11.16 28.14 5.59
C GLY B 274 11.67 27.62 6.93
N PRO B 275 10.88 27.75 8.02
CA PRO B 275 11.28 27.30 9.35
C PRO B 275 11.57 25.80 9.50
N LEU B 276 11.07 25.01 8.54
CA LEU B 276 11.22 23.55 8.57
C LEU B 276 12.34 22.99 7.70
N SER B 277 13.19 23.85 7.17
CA SER B 277 14.26 23.40 6.29
C SER B 277 15.53 22.89 7.00
N LYS B 278 15.49 22.80 8.33
CA LYS B 278 16.63 22.30 9.10
C LYS B 278 16.70 20.79 8.93
N ASN B 279 15.66 20.21 8.35
CA ASN B 279 15.63 18.78 8.11
C ASN B 279 14.94 18.51 6.78
N ASP B 280 14.85 17.25 6.40
CA ASP B 280 14.25 16.92 5.12
C ASP B 280 12.84 17.47 4.88
N TYR B 281 12.02 17.50 5.92
CA TYR B 281 10.64 17.98 5.81
C TYR B 281 10.49 19.28 5.01
N GLY B 282 11.20 20.33 5.44
CA GLY B 282 11.11 21.60 4.76
C GLY B 282 11.79 21.60 3.41
N LYS B 283 12.92 20.91 3.30
CA LYS B 283 13.63 20.86 2.02
C LYS B 283 12.75 20.15 1.01
N TYR B 284 11.96 19.20 1.49
CA TYR B 284 11.06 18.44 0.64
C TYR B 284 10.05 19.37 -0.02
N LEU B 285 9.39 20.18 0.80
CA LEU B 285 8.40 21.11 0.29
C LEU B 285 9.02 22.09 -0.69
N LEU B 286 10.24 22.52 -0.42
CA LEU B 286 10.95 23.44 -1.29
C LEU B 286 11.13 22.83 -2.68
N LYS B 287 11.64 21.61 -2.72
CA LYS B 287 11.85 20.95 -3.99
C LYS B 287 10.51 20.69 -4.68
N MET B 288 9.48 20.41 -3.90
CA MET B 288 8.15 20.16 -4.45
C MET B 288 7.65 21.32 -5.29
N VAL B 289 7.94 22.54 -4.87
CA VAL B 289 7.51 23.71 -5.63
C VAL B 289 8.63 24.23 -6.51
#